data_2MH6
#
_entry.id   2MH6
#
_cell.length_a   1.000
_cell.length_b   1.000
_cell.length_c   1.000
_cell.angle_alpha   90.00
_cell.angle_beta   90.00
_cell.angle_gamma   90.00
#
_symmetry.space_group_name_H-M   'P 1'
#
loop_
_entity.id
_entity.type
_entity.pdbx_description
1 polymer "5'-D(*CP*AP*GP*TP*TP*CP*CP*A)-3'"
2 polymer "5'-D(*TP*GP*GP*AP*IP*CP*TP*G)-3'"
#
loop_
_entity_poly.entity_id
_entity_poly.type
_entity_poly.pdbx_seq_one_letter_code
_entity_poly.pdbx_strand_id
1 'polydeoxyribonucleotide' (DC)(DA)(DG)(DT)(DT)(DC)(DC)(DA) A
2 'polydeoxyribonucleotide' (DT)(DG)(DG)(DA)(EDI)(DC)(DT)(DG) B
#
loop_
_chem_comp.id
_chem_comp.type
_chem_comp.name
_chem_comp.formula
DA DNA linking 2'-DEOXYADENOSINE-5'-MONOPHOSPHATE 'C10 H14 N5 O6 P'
DC DNA linking 2'-DEOXYCYTIDINE-5'-MONOPHOSPHATE 'C9 H14 N3 O7 P'
DG DNA linking 2'-DEOXYGUANOSINE-5'-MONOPHOSPHATE 'C10 H14 N5 O7 P'
DT DNA linking THYMIDINE-5'-MONOPHOSPHATE 'C10 H15 N2 O8 P'
EDI DNA linking 2'-deoxy-1-(2-iodoethyl)inosine 'C12 H16 I N4 O7 P'
#
# COMPACT_ATOMS: atom_id res chain seq x y z
P EDI B 5 -1.78 2.87 -2.93
OP1 EDI B 5 -2.26 3.14 -4.31
OP2 EDI B 5 -2.73 2.98 -1.79
O5' EDI B 5 -1.15 1.41 -2.91
C5' EDI B 5 -0.21 1.00 -3.90
C4' EDI B 5 0.22 -0.43 -3.67
O4' EDI B 5 0.92 -0.51 -2.41
C3' EDI B 5 -0.92 -1.45 -3.57
O3' EDI B 5 -0.49 -2.73 -4.07
C2' EDI B 5 -1.21 -1.51 -2.09
C1' EDI B 5 0.13 -1.21 -1.45
N9 EDI B 5 0.02 -0.36 -0.27
C8 EDI B 5 -0.84 0.70 -0.12
N7 EDI B 5 -0.73 1.29 1.05
C5 EDI B 5 0.27 0.58 1.69
C6 EDI B 5 0.83 0.74 2.98
O6 EDI B 5 0.55 1.60 3.84
N1 EDI B 5 1.81 -0.20 3.24
C2 EDI B 5 2.20 -1.18 2.38
N3 EDI B 5 1.70 -1.36 1.17
C4 EDI B 5 0.74 -0.45 0.90
C11 EDI B 5 1.67 -0.14 5.84
C12 EDI B 5 2.48 -0.15 4.55
H5' EDI B 5 0.66 1.64 -3.87
H5'' EDI B 5 -0.67 1.08 -4.90
H4' EDI B 5 0.82 -0.74 -4.52
H3' EDI B 5 -1.80 -1.12 -4.13
H2' EDI B 5 -1.98 -0.79 -1.80
H2'' EDI B 5 -1.56 -2.49 -1.80
H1' EDI B 5 0.65 -2.12 -1.16
H8 EDI B 5 -1.54 1.00 -0.88
H2 EDI B 5 2.97 -1.87 2.74
H11 EDI B 5 0.84 0.56 5.94
H12 EDI B 5 1.29 -1.11 5.52
H15 EDI B 5 2.83 0.87 4.74
H14 EDI B 5 3.33 -0.82 4.55
P EDI B 5 -2.19 2.99 -2.68
OP1 EDI B 5 -2.61 3.42 -4.03
OP2 EDI B 5 -3.13 3.12 -1.54
O5' EDI B 5 -1.74 1.46 -2.78
C5' EDI B 5 -0.86 1.01 -3.81
C4' EDI B 5 -0.32 -0.36 -3.48
O4' EDI B 5 0.36 -0.31 -2.21
C3' EDI B 5 -1.38 -1.45 -3.35
O3' EDI B 5 -0.85 -2.70 -3.81
C2' EDI B 5 -1.65 -1.50 -1.86
C1' EDI B 5 -0.35 -1.07 -1.23
N9 EDI B 5 -0.53 -0.24 -0.05
C8 EDI B 5 -1.50 0.72 0.13
N7 EDI B 5 -1.42 1.32 1.29
C5 EDI B 5 -0.34 0.71 1.92
C6 EDI B 5 0.23 0.94 3.19
O6 EDI B 5 -0.13 1.74 4.05
N1 EDI B 5 1.33 0.10 3.42
C2 EDI B 5 1.80 -0.82 2.53
N3 EDI B 5 1.28 -1.05 1.34
C4 EDI B 5 0.23 -0.25 1.10
C11 EDI B 5 1.39 0.10 6.07
C12 EDI B 5 2.02 0.22 4.70
H5' EDI B 5 -0.03 1.70 -3.90
H5'' EDI B 5 -1.41 0.97 -4.75
H4' EDI B 5 0.33 -0.65 -4.30
H3' EDI B 5 -2.28 -1.22 -3.90
H2' EDI B 5 -2.48 -0.85 -1.59
H2'' EDI B 5 -1.92 -2.50 -1.53
H1' EDI B 5 0.27 -1.92 -0.96
H8 EDI B 5 -2.24 0.96 -0.62
H2 EDI B 5 2.65 -1.42 2.87
H11 EDI B 5 0.55 0.76 6.28
H12 EDI B 5 1.03 -0.87 5.73
H15 EDI B 5 2.05 1.27 5.00
H14 EDI B 5 3.05 -0.14 4.59
P EDI B 5 -1.35 3.20 -3.20
OP1 EDI B 5 -1.48 3.40 -4.67
OP2 EDI B 5 -2.41 3.68 -2.29
O5' EDI B 5 -1.16 1.62 -2.94
C5' EDI B 5 -0.45 0.80 -3.88
C4' EDI B 5 -0.02 -0.48 -3.22
O4' EDI B 5 0.56 -0.17 -1.92
C3' EDI B 5 -1.14 -1.49 -2.96
O3' EDI B 5 -0.66 -2.82 -3.17
C2' EDI B 5 -1.49 -1.26 -1.50
C1' EDI B 5 -0.20 -0.78 -0.88
N9 EDI B 5 -0.41 0.21 0.16
C8 EDI B 5 -1.34 1.21 0.14
N7 EDI B 5 -1.32 1.96 1.22
C5 EDI B 5 -0.31 1.40 1.99
C6 EDI B 5 0.18 1.77 3.27
O6 EDI B 5 -0.20 2.70 3.99
N1 EDI B 5 1.22 0.95 3.69
C2 EDI B 5 1.71 -0.11 2.96
N3 EDI B 5 1.27 -0.47 1.77
C4 EDI B 5 0.27 0.33 1.35
C11 EDI B 5 1.53 0.42 6.26
C12 EDI B 5 1.83 1.22 4.99
H5' EDI B 5 0.42 1.33 -4.25
H5'' EDI B 5 -1.10 0.56 -4.72
H4' EDI B 5 0.69 -0.98 -3.90
H3' EDI B 5 -1.99 -1.30 -3.60
H2' EDI B 5 -2.29 -0.53 -1.41
H2'' EDI B 5 -1.81 -2.17 -1.03
H1' EDI B 5 0.38 -1.61 -0.47
H8 EDI B 5 -2.02 1.37 -0.68
H2 EDI B 5 2.53 -0.67 3.42
H11 EDI B 5 0.68 1.08 6.43
H12 EDI B 5 1.17 -0.53 5.88
H15 EDI B 5 1.83 2.29 5.17
H14 EDI B 5 2.84 0.84 5.00
P EDI B 5 -1.74 2.74 -2.80
OP1 EDI B 5 -2.18 3.10 -4.17
OP2 EDI B 5 -2.71 2.85 -1.67
O5' EDI B 5 -1.16 1.27 -2.82
C5' EDI B 5 -0.17 0.89 -3.78
C4' EDI B 5 0.27 -0.54 -3.56
O4' EDI B 5 0.93 -0.63 -2.28
C3' EDI B 5 -0.86 -1.58 -3.52
O3' EDI B 5 -0.40 -2.83 -4.03
C2' EDI B 5 -1.18 -1.67 -2.04
C1' EDI B 5 0.13 -1.36 -1.35
N9 EDI B 5 -0.03 -0.54 -0.16
C8 EDI B 5 -0.92 0.48 0.01
N7 EDI B 5 -0.85 1.05 1.18
C5 EDI B 5 0.17 0.35 1.82
C6 EDI B 5 0.71 0.51 3.13
O6 EDI B 5 0.38 1.33 4.00
N1 EDI B 5 1.72 -0.41 3.38
C2 EDI B 5 2.16 -1.36 2.49
N3 EDI B 5 1.67 -1.51 1.27
C4 EDI B 5 0.68 -0.63 1.01
C11 EDI B 5 1.78 0.00 6.04
C12 EDI B 5 2.37 -0.35 4.69
H5' EDI B 5 0.70 1.54 -3.70
H5'' EDI B 5 -0.58 0.98 -4.79
H4' EDI B 5 0.92 -0.83 -4.40
H3' EDI B 5 -1.71 -1.24 -4.09
H2' EDI B 5 -1.98 -0.97 -1.76
H2'' EDI B 5 -1.52 -2.66 -1.78
H1' EDI B 5 0.66 -2.28 -1.08
H8 EDI B 5 -1.63 0.79 -0.76
H2 EDI B 5 2.96 -2.01 2.83
H11 EDI B 5 0.99 0.74 6.20
H12 EDI B 5 1.33 -0.94 5.70
H15 EDI B 5 2.68 0.67 4.90
H14 EDI B 5 3.25 -1.00 4.67
P EDI B 5 -1.68 2.81 -2.82
OP1 EDI B 5 -2.07 3.09 -4.23
OP2 EDI B 5 -2.70 2.90 -1.75
O5' EDI B 5 -1.04 1.34 -2.77
C5' EDI B 5 -0.14 0.89 -3.79
C4' EDI B 5 0.27 -0.54 -3.52
O4' EDI B 5 0.92 -0.60 -2.23
C3' EDI B 5 -0.86 -1.56 -3.47
O3' EDI B 5 -0.41 -2.82 -3.95
C2' EDI B 5 -1.20 -1.62 -1.99
C1' EDI B 5 0.12 -1.32 -1.30
N9 EDI B 5 -0.03 -0.48 -0.11
C8 EDI B 5 -0.94 0.54 0.05
N7 EDI B 5 -0.85 1.11 1.22
C5 EDI B 5 0.16 0.42 1.87
C6 EDI B 5 0.70 0.59 3.17
O6 EDI B 5 0.38 1.42 4.03
N1 EDI B 5 1.72 -0.33 3.41
C2 EDI B 5 2.15 -1.29 2.54
N3 EDI B 5 1.66 -1.45 1.32
C4 EDI B 5 0.68 -0.57 1.05
C11 EDI B 5 1.74 0.02 6.07
C12 EDI B 5 2.38 -0.27 4.72
H5' EDI B 5 0.74 1.53 -3.80
H5'' EDI B 5 -0.64 0.94 -4.76
H4' EDI B 5 0.93 -0.84 -4.35
H3' EDI B 5 -1.72 -1.23 -4.05
H2' EDI B 5 -1.98 -0.91 -1.72
H2'' EDI B 5 -1.56 -2.61 -1.72
H1' EDI B 5 0.64 -2.23 -1.02
H8 EDI B 5 -1.64 0.84 -0.71
H2 EDI B 5 2.96 -1.93 2.88
H11 EDI B 5 0.94 0.74 6.24
H12 EDI B 5 1.31 -0.92 5.71
H15 EDI B 5 2.64 0.76 4.95
H14 EDI B 5 3.28 -0.88 4.71
P EDI B 5 -1.84 2.94 -2.82
OP1 EDI B 5 -2.17 3.35 -4.20
OP2 EDI B 5 -2.85 3.09 -1.73
O5' EDI B 5 -1.38 1.41 -2.86
C5' EDI B 5 -0.57 0.91 -3.92
C4' EDI B 5 0.00 -0.44 -3.56
O4' EDI B 5 0.64 -0.36 -2.27
C3' EDI B 5 -1.03 -1.57 -3.45
O3' EDI B 5 -0.46 -2.81 -3.87
C2' EDI B 5 -1.35 -1.61 -1.97
C1' EDI B 5 -0.07 -1.13 -1.31
N9 EDI B 5 -0.31 -0.30 -0.13
C8 EDI B 5 -1.30 0.64 0.00
N7 EDI B 5 -1.28 1.24 1.17
C5 EDI B 5 -0.21 0.65 1.83
C6 EDI B 5 0.31 0.89 3.13
O6 EDI B 5 -0.09 1.69 3.97
N1 EDI B 5 1.41 0.07 3.39
C2 EDI B 5 1.93 -0.85 2.52
N3 EDI B 5 1.46 -1.08 1.32
C4 EDI B 5 0.40 -0.29 1.03
C11 EDI B 5 1.58 0.20 6.14
C12 EDI B 5 2.05 0.21 4.70
H5' EDI B 5 0.25 1.60 -4.11
H5'' EDI B 5 -1.17 0.82 -4.83
H4' EDI B 5 0.68 -0.73 -4.36
H3' EDI B 5 -1.92 -1.36 -4.03
H2' EDI B 5 -2.19 -0.96 -1.74
H2'' EDI B 5 -1.61 -2.60 -1.65
H1' EDI B 5 0.55 -1.98 -1.01
H8 EDI B 5 -2.02 0.86 -0.77
H2 EDI B 5 2.79 -1.42 2.89
H11 EDI B 5 0.72 0.82 6.36
H12 EDI B 5 1.24 -0.75 5.76
H15 EDI B 5 2.06 1.26 4.99
H14 EDI B 5 3.08 -0.15 4.64
P EDI B 5 -1.90 2.79 -2.76
OP1 EDI B 5 -2.35 3.12 -4.14
OP2 EDI B 5 -2.87 2.87 -1.64
O5' EDI B 5 -1.28 1.32 -2.78
C5' EDI B 5 -0.31 0.95 -3.76
C4' EDI B 5 0.13 -0.48 -3.53
O4' EDI B 5 0.82 -0.56 -2.25
C3' EDI B 5 -0.97 -1.53 -3.48
O3' EDI B 5 -0.51 -2.77 -3.98
C2' EDI B 5 -1.29 -1.61 -2.00
C1' EDI B 5 0.03 -1.29 -1.31
N9 EDI B 5 -0.13 -0.46 -0.13
C8 EDI B 5 -1.03 0.55 0.05
N7 EDI B 5 -0.95 1.11 1.22
C5 EDI B 5 0.08 0.43 1.86
C6 EDI B 5 0.61 0.60 3.16
O6 EDI B 5 0.28 1.41 4.02
N1 EDI B 5 1.64 -0.32 3.40
C2 EDI B 5 2.08 -1.26 2.50
N3 EDI B 5 1.58 -1.43 1.30
C4 EDI B 5 0.58 -0.55 1.03
C11 EDI B 5 1.66 0.02 6.05
C12 EDI B 5 2.30 -0.26 4.70
H5' EDI B 5 0.55 1.61 -3.71
H5'' EDI B 5 -0.76 1.01 -4.76
H4' EDI B 5 0.78 -0.76 -4.37
H3' EDI B 5 -1.84 -1.21 -4.04
H2' EDI B 5 -2.08 -0.92 -1.72
H2'' EDI B 5 -1.62 -2.62 -1.73
H1' EDI B 5 0.57 -2.20 -1.05
H8 EDI B 5 -1.74 0.84 -0.72
H2 EDI B 5 2.89 -1.91 2.85
H11 EDI B 5 0.85 0.74 6.22
H12 EDI B 5 1.24 -0.93 5.72
H15 EDI B 5 2.55 0.78 4.94
H14 EDI B 5 3.21 -0.85 4.67
P EDI B 5 -2.07 2.80 -2.78
OP1 EDI B 5 -2.52 3.08 -4.17
OP2 EDI B 5 -3.03 2.92 -1.65
O5' EDI B 5 -1.45 1.34 -2.76
C5' EDI B 5 -0.60 0.88 -3.80
C4' EDI B 5 -0.14 -0.54 -3.53
O4' EDI B 5 0.56 -0.58 -2.27
C3' EDI B 5 -1.26 -1.57 -3.42
O3' EDI B 5 -0.81 -2.85 -3.90
C2' EDI B 5 -1.54 -1.62 -1.93
C1' EDI B 5 -0.20 -1.29 -1.30
N9 EDI B 5 -0.32 -0.44 -0.12
C8 EDI B 5 -1.23 0.58 0.06
N7 EDI B 5 -1.10 1.17 1.22
C5 EDI B 5 -0.05 0.50 1.84
C6 EDI B 5 0.54 0.69 3.11
O6 EDI B 5 0.24 1.52 3.98
N1 EDI B 5 1.57 -0.22 3.34
C2 EDI B 5 1.99 -1.18 2.44
N3 EDI B 5 1.44 -1.36 1.25
C4 EDI B 5 0.43 -0.50 1.01
C11 EDI B 5 1.62 0.06 5.97
C12 EDI B 5 2.28 -0.14 4.62
H5' EDI B 5 0.28 1.52 -3.87
H5'' EDI B 5 -1.14 0.91 -4.75
H4' EDI B 5 0.48 -0.84 -4.38
H3' EDI B 5 -2.14 -1.26 -3.97
H2' EDI B 5 -2.31 -0.91 -1.66
H2'' EDI B 5 -1.89 -2.60 -1.63
H1' EDI B 5 0.34 -2.20 -1.03
H8 EDI B 5 -1.95 0.86 -0.68
H2 EDI B 5 2.80 -1.82 2.77
H11 EDI B 5 0.79 0.75 6.15
H12 EDI B 5 1.23 -0.90 5.64
H15 EDI B 5 2.48 0.91 4.85
H14 EDI B 5 3.23 -0.68 4.53
P EDI B 5 -1.78 2.65 -2.95
OP1 EDI B 5 -2.19 2.90 -4.37
OP2 EDI B 5 -2.76 2.83 -1.86
O5' EDI B 5 -1.20 1.17 -2.87
C5' EDI B 5 -0.31 0.66 -3.87
C4' EDI B 5 0.19 -0.71 -3.47
O4' EDI B 5 0.84 -0.61 -2.18
C3' EDI B 5 -0.89 -1.78 -3.32
O3' EDI B 5 -0.39 -3.06 -3.73
C2' EDI B 5 -1.20 -1.77 -1.84
C1' EDI B 5 0.09 -1.30 -1.19
N9 EDI B 5 -0.12 -0.39 -0.07
C8 EDI B 5 -1.08 0.58 0.01
N7 EDI B 5 -1.06 1.25 1.13
C5 EDI B 5 0.00 0.68 1.83
C6 EDI B 5 0.51 0.98 3.11
O6 EDI B 5 0.14 1.85 3.92
N1 EDI B 5 1.59 0.16 3.45
C2 EDI B 5 2.09 -0.84 2.65
N3 EDI B 5 1.62 -1.14 1.45
C4 EDI B 5 0.58 -0.34 1.11
C11 EDI B 5 1.50 0.16 6.07
C12 EDI B 5 2.22 0.36 4.75
H5' EDI B 5 0.53 1.34 -3.98
H5'' EDI B 5 -0.84 0.59 -4.82
H4' EDI B 5 0.87 -1.05 -4.26
H3' EDI B 5 -1.76 -1.53 -3.91
H2' EDI B 5 -2.03 -1.11 -1.61
H2'' EDI B 5 -1.45 -2.76 -1.49
H1' EDI B 5 0.69 -2.15 -0.84
H8 EDI B 5 -1.80 0.77 -0.78
H2 EDI B 5 2.91 -1.42 3.05
H11 EDI B 5 0.70 0.88 6.22
H12 EDI B 5 1.08 -0.80 5.79
H15 EDI B 5 2.27 1.43 4.97
H14 EDI B 5 3.25 -0.04 4.72
P EDI B 5 -2.05 2.99 -2.75
OP1 EDI B 5 -2.44 3.43 -4.12
OP2 EDI B 5 -3.01 3.14 -1.63
O5' EDI B 5 -1.61 1.47 -2.83
C5' EDI B 5 -0.75 0.98 -3.86
C4' EDI B 5 -0.23 -0.39 -3.53
O4' EDI B 5 0.45 -0.33 -2.25
C3' EDI B 5 -1.30 -1.47 -3.38
O3' EDI B 5 -0.80 -2.73 -3.83
C2' EDI B 5 -1.56 -1.50 -1.89
C1' EDI B 5 -0.25 -1.08 -1.27
N9 EDI B 5 -0.43 -0.24 -0.09
C8 EDI B 5 -1.37 0.74 0.07
N7 EDI B 5 -1.29 1.34 1.23
C5 EDI B 5 -0.22 0.72 1.86
C6 EDI B 5 0.33 0.94 3.14
O6 EDI B 5 -0.01 1.75 4.00
N1 EDI B 5 1.42 0.08 3.39
C2 EDI B 5 1.88 -0.86 2.50
N3 EDI B 5 1.37 -1.07 1.31
C4 EDI B 5 0.33 -0.26 1.05
C11 EDI B 5 1.47 0.08 6.04
C12 EDI B 5 2.11 0.20 4.67
H5' EDI B 5 0.09 1.67 -3.97
H5'' EDI B 5 -1.30 0.94 -4.80
H4' EDI B 5 0.42 -0.71 -4.35
H3' EDI B 5 -2.19 -1.22 -3.94
H2' EDI B 5 -2.38 -0.83 -1.62
H2'' EDI B 5 -1.85 -2.50 -1.56
H1' EDI B 5 0.35 -1.95 -1.00
H8 EDI B 5 -2.10 0.98 -0.68
H2 EDI B 5 2.71 -1.46 2.84
H11 EDI B 5 0.65 0.76 6.23
H12 EDI B 5 1.09 -0.88 5.72
H15 EDI B 5 2.18 1.25 4.94
H14 EDI B 5 3.11 -0.22 4.57
P EDI B 5 -1.89 2.73 -2.80
OP1 EDI B 5 -2.35 3.08 -4.17
OP2 EDI B 5 -2.84 2.86 -1.67
O5' EDI B 5 -1.34 1.24 -2.83
C5' EDI B 5 -0.36 0.84 -3.79
C4' EDI B 5 0.05 -0.60 -3.56
O4' EDI B 5 0.73 -0.70 -2.29
C3' EDI B 5 -1.10 -1.60 -3.48
O3' EDI B 5 -0.69 -2.88 -3.99
C2' EDI B 5 -1.40 -1.66 -2.00
C1' EDI B 5 -0.07 -1.38 -1.34
N9 EDI B 5 -0.18 -0.55 -0.15
C8 EDI B 5 -1.03 0.50 0.03
N7 EDI B 5 -0.92 1.06 1.19
C5 EDI B 5 0.09 0.35 1.82
C6 EDI B 5 0.66 0.50 3.10
O6 EDI B 5 0.37 1.35 3.97
N1 EDI B 5 1.66 -0.43 3.34
C2 EDI B 5 2.06 -1.40 2.45
N3 EDI B 5 1.53 -1.55 1.24
C4 EDI B 5 0.56 -0.65 1.00
C11 EDI B 5 1.71 -0.11 5.99
C12 EDI B 5 2.35 -0.39 4.63
H5' EDI B 5 0.52 1.48 -3.71
H5'' EDI B 5 -0.77 0.93 -4.79
H4' EDI B 5 0.67 -0.90 -4.40
H3' EDI B 5 -1.97 -1.25 -4.04
H2' EDI B 5 -2.16 -0.95 -1.71
H2'' EDI B 5 -1.76 -2.65 -1.72
H1' EDI B 5 0.45 -2.31 -1.07
H8 EDI B 5 -1.75 0.81 -0.72
H2 EDI B 5 2.85 -2.07 2.79
H11 EDI B 5 0.93 0.64 6.16
H12 EDI B 5 1.25 -1.04 5.65
H15 EDI B 5 2.64 0.64 4.85
H14 EDI B 5 3.23 -1.02 4.59
#